data_6W45
#
_entry.id   6W45
#
_cell.length_a   97.270
_cell.length_b   97.270
_cell.length_c   80.458
_cell.angle_alpha   90.000
_cell.angle_beta   90.000
_cell.angle_gamma   90.000
#
_symmetry.space_group_name_H-M   'I 4'
#
loop_
_entity.id
_entity.type
_entity.pdbx_description
1 polymer 'Hydroxyacid oxidase 1'
2 non-polymer '2-chloranyl-4-[2-[[(6-chloranyl-1~{H}-indol-2-yl)carbonyl-methyl-amino]methyl]-5-fluoranyl-phenyl]benzoic acid'
3 non-polymer 'FLAVIN MONONUCLEOTIDE'
4 water water
#
_entity_poly.entity_id   1
_entity_poly.type   'polypeptide(L)'
_entity_poly.pdbx_seq_one_letter_code
;MLPRLICINDYEQHAKSVLPKSIYDYYRSGANDEETLADNIAAFSRWKLYPRMLRNVAETDLSTSVLGQRVSMPICVGAT
AMQRMAHVDGELATVRACQSLGTGMMLSSWATSSIEEVAEAGPEALRWLQLYIYKDREVTKKLVRQAEKMGYKAIFVTVD
TPYLGNRLDDVRNRFKLPPQLRMKNFETSTLSFSPEENFGDDSGLAAYVAKAIDPSISWEDIKWLRRLTSLPIVAKGILR
GDDAREAVKHGLNGILVSNHGARQLDGVPATIDVLPEIVEAVEGKVEVFLDGGVRKGTDVLKALALGAKAVFVGRPIVWG
LAFQGEKGVQDVLEILKEEFRLAMALSGCQNVKVIDKTLVRKNPLAVS
;
_entity_poly.pdbx_strand_id   A
#
loop_
_chem_comp.id
_chem_comp.type
_chem_comp.name
_chem_comp.formula
FMN non-polymer 'FLAVIN MONONUCLEOTIDE' 'C17 H21 N4 O9 P'
SLG non-polymer '2-chloranyl-4-[2-[[(6-chloranyl-1~{H}-indol-2-yl)carbonyl-methyl-amino]methyl]-5-fluoranyl-phenyl]benzoic acid' 'C24 H17 Cl2 F N2 O3'
#
# COMPACT_ATOMS: atom_id res chain seq x y z
N PRO A 3 -0.71 14.14 23.00
CA PRO A 3 -1.60 15.12 22.33
C PRO A 3 -2.86 14.45 21.77
N ARG A 4 -3.91 15.23 21.47
CA ARG A 4 -5.22 14.74 20.94
C ARG A 4 -5.19 14.72 19.40
N LEU A 5 -5.14 13.50 18.84
CA LEU A 5 -4.99 13.24 17.40
C LEU A 5 -6.26 12.55 16.90
N ILE A 6 -7.00 13.16 15.99
CA ILE A 6 -8.31 12.57 15.62
C ILE A 6 -8.32 12.15 14.13
N CYS A 7 -7.38 12.63 13.35
CA CYS A 7 -7.27 12.26 11.91
C CYS A 7 -5.80 12.03 11.55
N ILE A 8 -5.56 11.41 10.39
CA ILE A 8 -4.19 11.07 9.98
C ILE A 8 -3.33 12.34 9.90
N ASN A 9 -3.83 13.47 9.41
CA ASN A 9 -2.99 14.70 9.32
C ASN A 9 -2.49 15.05 10.73
N ASP A 10 -3.29 14.85 11.77
CA ASP A 10 -2.85 15.19 13.17
C ASP A 10 -1.64 14.31 13.52
N TYR A 11 -1.63 13.04 13.11
CA TYR A 11 -0.48 12.13 13.37
C TYR A 11 0.76 12.67 12.65
N GLU A 12 0.62 13.16 11.42
CA GLU A 12 1.79 13.66 10.70
C GLU A 12 2.33 14.86 11.47
N GLN A 13 1.43 15.74 11.91
CA GLN A 13 1.87 17.00 12.57
C GLN A 13 2.55 16.64 13.89
N HIS A 14 1.99 15.65 14.60
CA HIS A 14 2.68 15.15 15.83
C HIS A 14 4.08 14.61 15.50
N ALA A 15 4.18 13.78 14.45
CA ALA A 15 5.46 13.22 14.02
C ALA A 15 6.50 14.32 13.71
N LYS A 16 6.12 15.39 13.02
CA LYS A 16 7.00 16.50 12.66
C LYS A 16 7.53 17.09 13.96
N SER A 17 6.69 17.15 14.97
CA SER A 17 7.04 17.77 16.29
C SER A 17 8.01 16.89 17.09
N VAL A 18 7.99 15.56 16.96
CA VAL A 18 8.85 14.68 17.81
C VAL A 18 10.07 14.15 17.05
N LEU A 19 9.99 13.93 15.72
CA LEU A 19 11.13 13.35 14.98
C LEU A 19 12.21 14.39 14.73
N PRO A 20 13.50 14.00 14.69
CA PRO A 20 14.51 14.89 14.14
C PRO A 20 14.14 15.32 12.71
N LYS A 21 14.37 16.58 12.35
CA LYS A 21 13.97 17.18 11.05
C LYS A 21 14.41 16.25 9.90
N SER A 22 15.64 15.74 9.92
CA SER A 22 16.21 14.94 8.80
C SER A 22 15.35 13.69 8.57
N ILE A 23 14.92 13.02 9.65
CA ILE A 23 14.13 11.76 9.62
C ILE A 23 12.70 12.09 9.17
N TYR A 24 12.07 13.12 9.73
CA TYR A 24 10.72 13.56 9.27
C TYR A 24 10.81 13.85 7.78
N ASP A 25 11.81 14.63 7.37
CA ASP A 25 11.92 15.03 5.93
C ASP A 25 12.13 13.77 5.08
N TYR A 26 12.92 12.80 5.53
CA TYR A 26 13.18 11.55 4.76
C TYR A 26 11.84 10.86 4.48
N TYR A 27 11.00 10.75 5.50
CA TYR A 27 9.70 10.04 5.37
C TYR A 27 8.73 10.88 4.55
N ARG A 28 8.68 12.19 4.74
CA ARG A 28 7.70 13.09 4.09
C ARG A 28 7.96 13.21 2.58
N SER A 29 9.22 13.25 2.17
CA SER A 29 9.63 13.86 0.88
C SER A 29 9.11 13.03 -0.30
N GLY A 30 9.04 13.73 -1.42
CA GLY A 30 8.79 13.11 -2.73
C GLY A 30 9.97 13.42 -3.58
N ALA A 31 9.88 13.19 -4.86
CA ALA A 31 11.01 13.42 -5.78
C ALA A 31 10.98 14.83 -6.38
N ASN A 32 12.16 15.43 -6.56
CA ASN A 32 12.32 16.68 -7.32
C ASN A 32 11.42 17.78 -6.75
N ASP A 33 10.57 18.43 -7.56
CA ASP A 33 9.69 19.54 -7.10
C ASP A 33 8.45 19.05 -6.33
N GLU A 34 8.25 17.74 -6.16
CA GLU A 34 7.15 17.14 -5.35
C GLU A 34 5.79 17.49 -5.95
N GLU A 35 5.68 17.53 -7.28
CA GLU A 35 4.41 17.81 -7.97
C GLU A 35 3.46 16.61 -7.79
N THR A 36 3.97 15.41 -7.95
CA THR A 36 3.14 14.20 -7.80
C THR A 36 2.78 14.02 -6.31
N LEU A 37 3.68 14.35 -5.39
CA LEU A 37 3.37 14.22 -3.95
C LEU A 37 2.11 15.05 -3.63
N ALA A 38 2.05 16.31 -4.10
CA ALA A 38 0.88 17.18 -3.87
C ALA A 38 -0.33 16.56 -4.57
N ASP A 39 -0.15 16.05 -5.80
CA ASP A 39 -1.30 15.61 -6.62
C ASP A 39 -1.91 14.30 -6.07
N ASN A 40 -1.13 13.42 -5.44
CA ASN A 40 -1.69 12.15 -4.91
C ASN A 40 -2.81 12.47 -3.93
N ILE A 41 -2.67 13.56 -3.16
CA ILE A 41 -3.71 14.09 -2.25
C ILE A 41 -4.76 14.94 -3.01
N ALA A 42 -4.36 15.91 -3.85
CA ALA A 42 -5.30 16.84 -4.50
C ALA A 42 -6.29 16.07 -5.38
N ALA A 43 -5.80 15.01 -6.05
CA ALA A 43 -6.59 14.23 -7.01
C ALA A 43 -7.79 13.63 -6.28
N PHE A 44 -7.62 13.13 -5.05
CA PHE A 44 -8.76 12.53 -4.31
C PHE A 44 -9.85 13.57 -4.14
N SER A 45 -9.49 14.83 -3.91
CA SER A 45 -10.50 15.89 -3.65
C SER A 45 -11.28 16.22 -4.93
N ARG A 46 -10.72 16.01 -6.13
CA ARG A 46 -11.45 16.28 -7.39
C ARG A 46 -12.53 15.23 -7.67
N TRP A 47 -12.37 14.01 -7.21
CA TRP A 47 -13.41 12.98 -7.37
C TRP A 47 -14.49 13.23 -6.32
N LYS A 48 -15.70 13.45 -6.76
CA LYS A 48 -16.81 13.82 -5.84
C LYS A 48 -17.70 12.59 -5.62
N LEU A 49 -18.29 12.53 -4.44
CA LEU A 49 -19.13 11.38 -4.03
C LEU A 49 -20.60 11.71 -4.26
N TYR A 50 -21.33 10.71 -4.71
CA TYR A 50 -22.78 10.82 -5.01
C TYR A 50 -23.52 9.80 -4.18
N PRO A 51 -23.76 10.09 -2.90
CA PRO A 51 -24.31 9.13 -1.96
C PRO A 51 -25.77 8.75 -2.19
N ARG A 52 -26.08 7.46 -2.02
CA ARG A 52 -27.48 6.98 -1.99
C ARG A 52 -28.04 7.07 -0.57
N MET A 53 -29.30 7.51 -0.49
CA MET A 53 -30.02 7.66 0.78
C MET A 53 -30.97 6.47 0.99
N LEU A 54 -31.27 6.22 2.24
CA LEU A 54 -32.40 5.33 2.64
C LEU A 54 -32.10 3.91 2.19
N ARG A 55 -30.89 3.43 2.43
CA ARG A 55 -30.53 2.05 1.98
C ARG A 55 -30.49 1.01 3.10
N ASN A 56 -30.53 1.39 4.37
CA ASN A 56 -30.38 0.48 5.54
C ASN A 56 -28.90 0.15 5.77
N VAL A 57 -28.23 0.99 6.56
CA VAL A 57 -26.79 0.82 6.84
C VAL A 57 -26.57 0.57 8.33
N ALA A 58 -27.54 -0.05 9.01
CA ALA A 58 -27.42 -0.42 10.43
C ALA A 58 -26.24 -1.37 10.65
N GLU A 59 -25.97 -2.24 9.70
CA GLU A 59 -25.03 -3.35 10.04
C GLU A 59 -23.81 -3.35 9.13
N THR A 60 -23.01 -2.29 9.14
CA THR A 60 -22.00 -2.14 8.04
C THR A 60 -20.92 -3.21 8.21
N ASP A 61 -20.55 -3.82 7.11
CA ASP A 61 -19.55 -4.92 7.09
C ASP A 61 -18.42 -4.46 6.17
N LEU A 62 -17.26 -4.21 6.72
CA LEU A 62 -16.10 -3.70 5.96
C LEU A 62 -15.26 -4.84 5.38
N SER A 63 -15.54 -6.11 5.73
CA SER A 63 -14.62 -7.22 5.39
C SER A 63 -14.57 -7.41 3.88
N THR A 64 -13.44 -7.93 3.42
CA THR A 64 -13.22 -8.24 2.00
C THR A 64 -12.15 -9.30 1.95
N SER A 65 -11.63 -9.57 0.76
CA SER A 65 -10.49 -10.49 0.61
C SER A 65 -9.45 -9.84 -0.31
N VAL A 66 -8.21 -10.18 -0.05
CA VAL A 66 -7.03 -9.76 -0.84
C VAL A 66 -6.36 -11.07 -1.30
N LEU A 67 -6.35 -11.34 -2.59
CA LEU A 67 -5.64 -12.50 -3.18
C LEU A 67 -6.11 -13.81 -2.51
N GLY A 68 -7.40 -13.87 -2.18
CA GLY A 68 -8.07 -15.06 -1.61
C GLY A 68 -8.00 -15.15 -0.10
N GLN A 69 -7.39 -14.19 0.60
CA GLN A 69 -7.27 -14.22 2.07
C GLN A 69 -8.21 -13.17 2.64
N ARG A 70 -9.03 -13.52 3.64
CA ARG A 70 -10.02 -12.61 4.21
C ARG A 70 -9.28 -11.54 5.03
N VAL A 71 -9.75 -10.30 4.92
CA VAL A 71 -9.27 -9.16 5.75
C VAL A 71 -10.47 -8.43 6.36
N SER A 72 -10.25 -7.69 7.45
CA SER A 72 -11.29 -6.99 8.23
C SER A 72 -11.77 -5.75 7.49
N MET A 73 -10.95 -5.27 6.56
CA MET A 73 -11.23 -3.96 5.90
C MET A 73 -10.35 -3.88 4.68
N PRO A 74 -10.74 -3.09 3.65
CA PRO A 74 -9.94 -3.00 2.43
C PRO A 74 -8.84 -1.94 2.53
N ILE A 75 -8.13 -1.97 3.67
CA ILE A 75 -7.14 -0.97 4.06
C ILE A 75 -5.98 -1.74 4.66
N CYS A 76 -4.84 -1.76 3.98
CA CYS A 76 -3.70 -2.65 4.34
C CYS A 76 -2.44 -1.81 4.46
N VAL A 77 -1.44 -2.37 5.17
CA VAL A 77 -0.17 -1.65 5.42
C VAL A 77 0.78 -1.88 4.25
N GLY A 78 1.22 -0.80 3.60
CA GLY A 78 2.20 -0.90 2.51
C GLY A 78 3.65 -0.93 3.02
N ALA A 79 4.57 -1.37 2.17
CA ALA A 79 6.01 -1.47 2.48
C ALA A 79 6.60 -0.08 2.70
N THR A 80 7.24 0.16 3.85
CA THR A 80 8.02 1.41 4.06
C THR A 80 9.32 1.00 4.74
N ALA A 81 10.45 1.32 4.12
CA ALA A 81 11.79 0.93 4.62
C ALA A 81 12.01 1.48 6.04
N MET A 82 12.79 0.74 6.81
CA MET A 82 13.52 1.25 8.01
C MET A 82 12.58 1.89 9.03
N GLN A 83 11.56 1.13 9.41
CA GLN A 83 10.56 1.54 10.40
C GLN A 83 11.18 1.72 11.80
N ARG A 84 12.35 1.15 12.06
CA ARG A 84 13.00 1.34 13.40
C ARG A 84 13.53 2.76 13.57
N MET A 85 13.67 3.55 12.51
CA MET A 85 14.01 4.99 12.64
C MET A 85 12.86 5.76 13.29
N ALA A 86 11.61 5.30 13.18
CA ALA A 86 10.44 6.01 13.73
C ALA A 86 10.16 5.56 15.16
N HIS A 87 10.37 4.29 15.44
CA HIS A 87 10.10 3.66 16.77
C HIS A 87 11.01 2.46 17.00
N VAL A 88 11.48 2.23 18.23
CA VAL A 88 12.40 1.09 18.52
C VAL A 88 11.83 -0.26 18.07
N ASP A 89 10.51 -0.49 18.11
CA ASP A 89 9.88 -1.80 17.82
C ASP A 89 9.64 -1.95 16.30
N GLY A 90 9.77 -0.86 15.55
CA GLY A 90 9.73 -0.85 14.05
C GLY A 90 8.67 -1.82 13.51
N GLU A 91 9.09 -2.72 12.63
CA GLU A 91 8.21 -3.63 11.85
C GLU A 91 7.49 -4.62 12.78
N LEU A 92 8.06 -4.87 13.97
CA LEU A 92 7.40 -5.78 14.92
C LEU A 92 6.16 -5.10 15.49
N ALA A 93 6.24 -3.81 15.82
CA ALA A 93 5.08 -2.99 16.25
C ALA A 93 4.01 -3.03 15.15
N THR A 94 4.44 -2.82 13.91
CA THR A 94 3.48 -2.75 12.76
C THR A 94 2.74 -4.07 12.62
N VAL A 95 3.44 -5.20 12.66
CA VAL A 95 2.79 -6.51 12.39
C VAL A 95 1.84 -6.84 13.54
N ARG A 96 2.19 -6.45 14.77
CA ARG A 96 1.33 -6.71 15.93
C ARG A 96 0.02 -5.90 15.74
N ALA A 97 0.11 -4.65 15.28
CA ALA A 97 -1.09 -3.81 15.05
C ALA A 97 -1.94 -4.46 13.94
N CYS A 98 -1.32 -4.96 12.88
CA CYS A 98 -2.09 -5.57 11.78
C CYS A 98 -2.84 -6.80 12.29
N GLN A 99 -2.16 -7.59 13.13
CA GLN A 99 -2.78 -8.78 13.72
C GLN A 99 -4.01 -8.40 14.53
N SER A 100 -3.92 -7.33 15.32
CA SER A 100 -5.03 -6.82 16.18
C SER A 100 -6.19 -6.38 15.29
N LEU A 101 -5.90 -5.68 14.20
CA LEU A 101 -6.92 -5.13 13.27
C LEU A 101 -7.53 -6.21 12.37
N GLY A 102 -6.84 -7.32 12.11
CA GLY A 102 -7.29 -8.31 11.12
C GLY A 102 -7.01 -7.85 9.70
N THR A 103 -6.00 -7.00 9.51
CA THR A 103 -5.60 -6.63 8.11
C THR A 103 -4.17 -7.14 7.82
N GLY A 104 -3.73 -6.97 6.57
CA GLY A 104 -2.42 -7.47 6.13
C GLY A 104 -1.31 -6.45 6.17
N MET A 105 -0.10 -6.95 6.35
CA MET A 105 1.14 -6.15 6.33
C MET A 105 2.02 -6.58 5.16
N MET A 106 2.41 -5.62 4.33
CA MET A 106 3.43 -5.79 3.27
C MET A 106 4.77 -5.39 3.86
N LEU A 107 5.65 -6.38 4.09
CA LEU A 107 6.99 -6.15 4.66
C LEU A 107 7.95 -5.66 3.59
N SER A 108 8.63 -4.55 3.86
CA SER A 108 9.63 -3.94 2.96
C SER A 108 10.81 -4.88 2.76
N SER A 109 11.42 -4.82 1.59
CA SER A 109 12.73 -5.46 1.29
C SER A 109 13.87 -4.80 2.09
N TRP A 110 13.67 -3.61 2.62
CA TRP A 110 14.71 -2.82 3.33
C TRP A 110 14.31 -2.66 4.80
N ALA A 111 13.78 -3.71 5.38
CA ALA A 111 13.21 -3.70 6.74
C ALA A 111 14.34 -3.79 7.79
N THR A 112 14.11 -3.18 8.95
CA THR A 112 15.00 -3.21 10.15
C THR A 112 14.60 -4.35 11.08
N SER A 113 13.91 -5.38 10.56
CA SER A 113 13.51 -6.67 11.18
C SER A 113 13.56 -7.73 10.08
N SER A 114 13.98 -8.95 10.42
CA SER A 114 14.05 -10.07 9.47
C SER A 114 12.68 -10.64 9.14
N ILE A 115 12.58 -11.32 8.01
CA ILE A 115 11.35 -12.06 7.59
C ILE A 115 10.92 -12.99 8.74
N GLU A 116 11.89 -13.67 9.37
CA GLU A 116 11.51 -14.63 10.44
C GLU A 116 11.01 -13.87 11.68
N GLU A 117 11.70 -12.80 12.08
CA GLU A 117 11.36 -11.99 13.29
C GLU A 117 9.92 -11.45 13.14
N VAL A 118 9.58 -10.97 11.96
CA VAL A 118 8.21 -10.40 11.73
C VAL A 118 7.17 -11.52 11.78
N ALA A 119 7.44 -12.68 11.20
CA ALA A 119 6.53 -13.84 11.22
C ALA A 119 6.30 -14.31 12.69
N GLU A 120 7.32 -14.25 13.50
CA GLU A 120 7.20 -14.72 14.92
C GLU A 120 6.52 -13.63 15.78
N ALA A 121 6.65 -12.34 15.48
CA ALA A 121 5.90 -11.23 16.14
C ALA A 121 4.41 -11.33 15.77
N GLY A 122 4.09 -11.76 14.54
CA GLY A 122 2.70 -11.74 14.05
C GLY A 122 2.33 -13.06 13.40
N PRO A 123 2.38 -14.16 14.18
CA PRO A 123 2.19 -15.50 13.65
C PRO A 123 0.83 -15.64 12.95
N GLU A 124 -0.19 -14.99 13.49
CA GLU A 124 -1.60 -15.06 13.02
C GLU A 124 -1.93 -13.91 12.04
N ALA A 125 -1.03 -12.95 11.84
CA ALA A 125 -1.24 -11.78 10.96
C ALA A 125 -1.17 -12.25 9.51
N LEU A 126 -1.96 -11.65 8.62
CA LEU A 126 -1.76 -11.80 7.16
C LEU A 126 -0.54 -10.97 6.73
N ARG A 127 0.44 -11.63 6.11
CA ARG A 127 1.76 -11.05 5.84
C ARG A 127 2.13 -11.33 4.40
N TRP A 128 2.59 -10.31 3.71
CA TRP A 128 3.19 -10.41 2.37
C TRP A 128 4.60 -9.84 2.38
N LEU A 129 5.38 -10.25 1.39
CA LEU A 129 6.75 -9.75 1.24
C LEU A 129 6.82 -8.86 0.01
N GLN A 130 7.34 -7.66 0.18
CA GLN A 130 7.72 -6.81 -0.96
C GLN A 130 9.17 -7.14 -1.30
N LEU A 131 9.39 -7.32 -2.60
CA LEU A 131 10.65 -7.81 -3.20
C LEU A 131 11.11 -6.84 -4.27
N TYR A 132 12.44 -6.74 -4.43
CA TYR A 132 13.10 -6.28 -5.65
C TYR A 132 13.77 -7.50 -6.30
N ILE A 133 13.88 -7.51 -7.61
CA ILE A 133 14.78 -8.50 -8.28
C ILE A 133 16.17 -7.87 -8.26
N TYR A 134 17.00 -8.31 -7.31
CA TYR A 134 18.32 -7.70 -7.06
C TYR A 134 19.30 -8.21 -8.13
N LYS A 135 20.40 -7.50 -8.32
CA LYS A 135 21.44 -7.97 -9.28
C LYS A 135 21.86 -9.39 -8.83
N ASP A 136 21.92 -9.59 -7.52
CA ASP A 136 22.21 -10.91 -6.92
C ASP A 136 20.92 -11.70 -6.88
N ARG A 137 20.70 -12.55 -7.86
CA ARG A 137 19.47 -13.33 -7.98
C ARG A 137 19.44 -14.45 -6.91
N GLU A 138 20.58 -14.83 -6.34
CA GLU A 138 20.60 -15.86 -5.26
C GLU A 138 19.88 -15.26 -4.05
N VAL A 139 20.24 -14.03 -3.65
CA VAL A 139 19.60 -13.29 -2.52
C VAL A 139 18.10 -13.21 -2.80
N THR A 140 17.74 -12.82 -4.01
CA THR A 140 16.31 -12.68 -4.39
C THR A 140 15.57 -14.02 -4.14
N LYS A 141 16.13 -15.10 -4.64
CA LYS A 141 15.52 -16.44 -4.47
C LYS A 141 15.45 -16.80 -2.99
N LYS A 142 16.51 -16.52 -2.21
CA LYS A 142 16.55 -16.83 -0.75
C LYS A 142 15.39 -16.11 -0.06
N LEU A 143 15.18 -14.82 -0.37
CA LEU A 143 14.06 -14.08 0.25
C LEU A 143 12.71 -14.74 -0.07
N VAL A 144 12.47 -15.10 -1.32
CA VAL A 144 11.20 -15.74 -1.76
C VAL A 144 11.02 -17.04 -0.96
N ARG A 145 12.06 -17.88 -0.92
CA ARG A 145 11.96 -19.18 -0.18
C ARG A 145 11.66 -18.92 1.29
N GLN A 146 12.33 -17.96 1.93
CA GLN A 146 12.06 -17.61 3.35
C GLN A 146 10.61 -17.12 3.50
N ALA A 147 10.06 -16.33 2.55
CA ALA A 147 8.66 -15.88 2.64
C ALA A 147 7.76 -17.12 2.64
N GLU A 148 8.02 -18.05 1.74
CA GLU A 148 7.21 -19.27 1.57
C GLU A 148 7.24 -20.05 2.91
N LYS A 149 8.44 -20.25 3.44
CA LYS A 149 8.65 -21.08 4.67
C LYS A 149 8.01 -20.41 5.88
N MET A 150 8.01 -19.07 5.96
CA MET A 150 7.58 -18.32 7.17
C MET A 150 6.10 -17.86 7.01
N GLY A 151 5.36 -18.45 6.08
CA GLY A 151 3.90 -18.37 6.00
C GLY A 151 3.43 -17.01 5.46
N TYR A 152 4.25 -16.33 4.66
CA TYR A 152 3.82 -15.11 3.89
C TYR A 152 2.94 -15.58 2.73
N LYS A 153 1.89 -14.81 2.36
CA LYS A 153 0.85 -15.30 1.43
C LYS A 153 0.98 -14.70 0.03
N ALA A 154 1.91 -13.78 -0.20
CA ALA A 154 2.10 -13.22 -1.56
C ALA A 154 3.41 -12.46 -1.61
N ILE A 155 3.87 -12.29 -2.84
CA ILE A 155 5.06 -11.48 -3.18
C ILE A 155 4.56 -10.25 -3.91
N PHE A 156 4.95 -9.07 -3.44
CA PHE A 156 4.74 -7.80 -4.19
C PHE A 156 6.09 -7.44 -4.81
N VAL A 157 6.24 -7.60 -6.12
CA VAL A 157 7.51 -7.23 -6.80
C VAL A 157 7.43 -5.78 -7.22
N THR A 158 8.28 -4.93 -6.65
CA THR A 158 8.33 -3.50 -7.00
C THR A 158 9.05 -3.35 -8.34
N VAL A 159 8.38 -2.75 -9.32
CA VAL A 159 8.90 -2.66 -10.71
C VAL A 159 9.14 -1.24 -11.19
N ASP A 160 9.06 -0.21 -10.33
CA ASP A 160 9.19 1.21 -10.76
C ASP A 160 10.52 1.82 -10.31
N THR A 161 11.45 1.01 -9.81
CA THR A 161 12.72 1.49 -9.21
C THR A 161 13.92 0.83 -9.87
N PRO A 162 14.17 1.02 -11.19
CA PRO A 162 15.44 0.56 -11.77
C PRO A 162 16.63 1.32 -11.16
N TYR A 163 16.38 2.57 -10.81
CA TYR A 163 17.26 3.49 -10.05
C TYR A 163 16.40 4.19 -9.01
N LEU A 164 17.02 4.68 -7.94
CA LEU A 164 16.32 5.52 -6.95
C LEU A 164 15.98 6.91 -7.51
N GLY A 165 14.76 7.38 -7.24
CA GLY A 165 14.37 8.77 -7.49
C GLY A 165 15.20 9.75 -6.67
N ASN A 166 15.31 10.96 -7.19
CA ASN A 166 16.11 12.11 -6.65
C ASN A 166 15.21 12.92 -5.72
N ARG A 167 15.27 12.66 -4.41
CA ARG A 167 14.58 13.51 -3.41
C ARG A 167 15.62 14.57 -2.98
N GLY A 204 26.56 8.54 0.58
CA GLY A 204 26.76 7.38 -0.31
C GLY A 204 25.86 6.21 0.07
N LEU A 205 24.71 6.46 0.71
CA LEU A 205 23.69 5.43 1.00
C LEU A 205 23.10 4.92 -0.33
N ALA A 206 22.90 5.82 -1.31
CA ALA A 206 22.34 5.52 -2.66
C ALA A 206 23.31 4.64 -3.44
N ALA A 207 24.62 4.80 -3.22
CA ALA A 207 25.71 3.99 -3.85
C ALA A 207 25.63 2.53 -3.34
N TYR A 208 25.34 2.35 -2.05
CA TYR A 208 25.10 1.03 -1.42
C TYR A 208 23.87 0.35 -2.06
N VAL A 209 22.78 1.09 -2.25
CA VAL A 209 21.51 0.54 -2.81
C VAL A 209 21.67 0.28 -4.31
N ALA A 210 22.46 1.11 -4.99
CA ALA A 210 22.82 0.98 -6.43
C ALA A 210 23.47 -0.38 -6.71
N LYS A 211 24.26 -0.88 -5.76
CA LYS A 211 24.92 -2.22 -5.86
C LYS A 211 23.83 -3.30 -5.87
N ALA A 212 22.72 -3.08 -5.16
CA ALA A 212 21.67 -4.11 -4.99
C ALA A 212 20.67 -4.06 -6.14
N ILE A 213 20.09 -2.88 -6.39
CA ILE A 213 18.94 -2.71 -7.33
C ILE A 213 19.39 -2.86 -8.79
N ASP A 214 18.80 -3.78 -9.52
CA ASP A 214 19.18 -4.10 -10.92
C ASP A 214 18.41 -3.21 -11.91
N PRO A 215 19.07 -2.25 -12.61
CA PRO A 215 18.37 -1.46 -13.62
C PRO A 215 18.02 -2.22 -14.90
N SER A 216 18.55 -3.44 -15.08
CA SER A 216 18.36 -4.24 -16.30
C SER A 216 17.08 -5.07 -16.27
N ILE A 217 16.34 -5.07 -15.17
CA ILE A 217 15.14 -5.96 -15.05
C ILE A 217 14.17 -5.73 -16.23
N SER A 218 13.68 -6.81 -16.81
CA SER A 218 12.71 -6.79 -17.92
C SER A 218 11.62 -7.81 -17.63
N TRP A 219 10.69 -7.89 -18.55
CA TRP A 219 9.59 -8.88 -18.46
C TRP A 219 10.17 -10.31 -18.46
N GLU A 220 11.36 -10.53 -19.04
CA GLU A 220 12.05 -11.86 -18.94
C GLU A 220 12.33 -12.22 -17.48
N ASP A 221 12.69 -11.24 -16.65
CA ASP A 221 12.98 -11.47 -15.22
C ASP A 221 11.66 -11.72 -14.46
N ILE A 222 10.56 -11.12 -14.91
CA ILE A 222 9.23 -11.42 -14.33
C ILE A 222 8.90 -12.89 -14.68
N LYS A 223 9.18 -13.33 -15.89
CA LYS A 223 8.94 -14.77 -16.24
C LYS A 223 9.67 -15.67 -15.25
N TRP A 224 10.91 -15.33 -14.92
CA TRP A 224 11.78 -16.09 -14.00
C TRP A 224 11.13 -16.12 -12.62
N LEU A 225 10.65 -14.97 -12.16
CA LEU A 225 10.08 -14.90 -10.79
C LEU A 225 8.80 -15.73 -10.75
N ARG A 226 8.01 -15.68 -11.81
CA ARG A 226 6.72 -16.39 -11.88
C ARG A 226 7.01 -17.92 -11.78
N ARG A 227 8.11 -18.37 -12.38
CA ARG A 227 8.50 -19.83 -12.37
C ARG A 227 9.07 -20.22 -11.01
N LEU A 228 9.67 -19.26 -10.30
CA LEU A 228 10.37 -19.47 -9.00
C LEU A 228 9.41 -19.88 -7.88
N THR A 229 8.18 -19.35 -7.85
CA THR A 229 7.25 -19.53 -6.70
C THR A 229 5.82 -19.75 -7.22
N SER A 230 5.03 -20.50 -6.48
CA SER A 230 3.57 -20.65 -6.72
C SER A 230 2.81 -19.59 -5.90
N LEU A 231 3.48 -18.80 -5.06
CA LEU A 231 2.73 -17.76 -4.29
C LEU A 231 2.16 -16.74 -5.27
N PRO A 232 1.03 -16.11 -4.92
CA PRO A 232 0.52 -14.99 -5.71
C PRO A 232 1.62 -13.93 -5.81
N ILE A 233 1.73 -13.35 -7.01
CA ILE A 233 2.68 -12.24 -7.24
C ILE A 233 1.86 -11.04 -7.72
N VAL A 234 2.15 -9.88 -7.10
CA VAL A 234 1.52 -8.59 -7.49
C VAL A 234 2.63 -7.68 -8.05
N ALA A 235 2.40 -7.08 -9.21
CA ALA A 235 3.31 -6.05 -9.80
C ALA A 235 2.98 -4.72 -9.13
N LYS A 236 3.95 -4.17 -8.40
CA LYS A 236 3.77 -2.90 -7.66
C LYS A 236 4.51 -1.78 -8.38
N GLY A 237 3.76 -0.74 -8.77
CA GLY A 237 4.34 0.45 -9.42
C GLY A 237 3.94 0.61 -10.86
N ILE A 238 2.90 -0.10 -11.31
CA ILE A 238 2.37 0.06 -12.70
C ILE A 238 1.50 1.31 -12.79
N LEU A 239 1.69 2.10 -13.86
CA LEU A 239 0.93 3.33 -14.10
C LEU A 239 0.29 3.35 -15.48
N ARG A 240 0.48 2.31 -16.28
CA ARG A 240 -0.03 2.31 -17.68
C ARG A 240 -0.89 1.06 -17.89
N GLY A 241 -1.99 1.21 -18.63
CA GLY A 241 -2.82 0.03 -19.00
C GLY A 241 -2.06 -1.03 -19.78
N ASP A 242 -1.18 -0.63 -20.71
CA ASP A 242 -0.49 -1.63 -21.56
C ASP A 242 0.45 -2.48 -20.69
N ASP A 243 1.16 -1.87 -19.72
CA ASP A 243 1.97 -2.62 -18.75
C ASP A 243 1.10 -3.52 -17.85
N ALA A 244 -0.10 -3.08 -17.48
CA ALA A 244 -0.98 -3.91 -16.64
C ALA A 244 -1.39 -5.16 -17.44
N ARG A 245 -1.65 -4.95 -18.71
CA ARG A 245 -2.03 -6.09 -19.60
C ARG A 245 -0.87 -7.06 -19.72
N GLU A 246 0.35 -6.55 -19.82
CA GLU A 246 1.56 -7.41 -19.94
C GLU A 246 1.73 -8.21 -18.64
N ALA A 247 1.46 -7.61 -17.47
CA ALA A 247 1.58 -8.31 -16.18
C ALA A 247 0.59 -9.50 -16.11
N VAL A 248 -0.60 -9.30 -16.60
CA VAL A 248 -1.65 -10.34 -16.69
C VAL A 248 -1.11 -11.44 -17.63
N LYS A 249 -0.63 -11.04 -18.79
CA LYS A 249 -0.11 -12.03 -19.78
C LYS A 249 0.99 -12.88 -19.17
N HIS A 250 1.81 -12.34 -18.23
CA HIS A 250 2.95 -13.02 -17.60
C HIS A 250 2.50 -13.89 -16.40
N GLY A 251 1.20 -13.98 -16.15
CA GLY A 251 0.67 -14.86 -15.11
C GLY A 251 0.77 -14.25 -13.73
N LEU A 252 0.91 -12.93 -13.62
CA LEU A 252 0.88 -12.33 -12.26
C LEU A 252 -0.58 -12.25 -11.82
N ASN A 253 -0.82 -12.05 -10.51
CA ASN A 253 -2.11 -12.27 -9.84
C ASN A 253 -2.67 -10.94 -9.34
N GLY A 254 -2.02 -9.83 -9.61
CA GLY A 254 -2.60 -8.55 -9.15
C GLY A 254 -1.74 -7.41 -9.65
N ILE A 255 -2.30 -6.21 -9.64
CA ILE A 255 -1.56 -4.97 -9.99
C ILE A 255 -1.74 -4.00 -8.82
N LEU A 256 -0.65 -3.52 -8.21
CA LEU A 256 -0.75 -2.39 -7.25
C LEU A 256 -0.38 -1.10 -8.00
N VAL A 257 -1.40 -0.33 -8.33
CA VAL A 257 -1.30 0.99 -8.99
C VAL A 257 -0.65 1.91 -7.95
N SER A 258 0.55 2.35 -8.27
CA SER A 258 1.46 3.00 -7.31
C SER A 258 2.44 3.87 -8.11
N ASN A 259 2.73 5.06 -7.57
CA ASN A 259 3.83 5.92 -8.01
C ASN A 259 4.86 5.99 -6.87
N HIS A 260 4.90 4.95 -6.05
CA HIS A 260 5.97 4.74 -5.02
C HIS A 260 5.88 5.92 -4.05
N GLY A 261 4.68 6.34 -3.73
CA GLY A 261 4.46 7.50 -2.80
C GLY A 261 5.09 8.79 -3.37
N ALA A 262 5.13 8.95 -4.70
CA ALA A 262 5.64 10.12 -5.41
C ALA A 262 7.15 10.31 -5.17
N ARG A 263 7.88 9.23 -4.92
CA ARG A 263 9.32 9.27 -4.57
C ARG A 263 10.19 8.83 -5.75
N GLN A 264 9.62 8.48 -6.90
CA GLN A 264 10.40 7.92 -8.04
C GLN A 264 10.41 8.99 -9.14
N LEU A 265 9.61 8.82 -10.20
CA LEU A 265 9.50 9.85 -11.26
C LEU A 265 8.47 10.92 -10.88
N ASP A 266 8.89 12.18 -10.74
CA ASP A 266 7.97 13.28 -10.48
C ASP A 266 7.28 13.70 -11.76
N GLY A 267 6.02 14.04 -11.64
CA GLY A 267 5.19 14.49 -12.78
C GLY A 267 4.42 13.37 -13.39
N VAL A 268 4.45 12.19 -12.79
CA VAL A 268 3.45 11.14 -13.16
C VAL A 268 2.13 11.58 -12.57
N PRO A 269 1.02 11.02 -13.05
CA PRO A 269 -0.27 11.32 -12.45
C PRO A 269 -0.44 10.73 -11.04
N ALA A 270 -1.45 11.27 -10.38
CA ALA A 270 -1.94 10.72 -9.10
C ALA A 270 -2.43 9.30 -9.38
N THR A 271 -2.22 8.39 -8.45
CA THR A 271 -2.69 7.00 -8.59
C THR A 271 -4.21 6.94 -8.76
N ILE A 272 -4.98 7.75 -8.06
CA ILE A 272 -6.45 7.66 -8.17
C ILE A 272 -6.85 8.05 -9.60
N ASP A 273 -6.08 8.87 -10.30
CA ASP A 273 -6.44 9.29 -11.67
C ASP A 273 -6.11 8.21 -12.70
N VAL A 274 -5.07 7.41 -12.47
CA VAL A 274 -4.70 6.33 -13.45
C VAL A 274 -5.50 5.08 -13.14
N LEU A 275 -6.01 4.90 -11.91
CA LEU A 275 -6.69 3.64 -11.51
C LEU A 275 -7.77 3.23 -12.53
N PRO A 276 -8.67 4.12 -13.00
CA PRO A 276 -9.73 3.66 -13.91
C PRO A 276 -9.17 3.03 -15.18
N GLU A 277 -8.13 3.60 -15.77
CA GLU A 277 -7.53 3.04 -17.02
C GLU A 277 -7.04 1.62 -16.74
N ILE A 278 -6.37 1.40 -15.59
CA ILE A 278 -5.75 0.10 -15.24
C ILE A 278 -6.88 -0.91 -15.00
N VAL A 279 -7.92 -0.54 -14.27
CA VAL A 279 -9.06 -1.48 -14.00
C VAL A 279 -9.64 -1.88 -15.35
N GLU A 280 -9.85 -0.91 -16.22
CA GLU A 280 -10.42 -1.16 -17.58
C GLU A 280 -9.51 -2.12 -18.33
N ALA A 281 -8.21 -1.87 -18.29
CA ALA A 281 -7.24 -2.66 -19.07
C ALA A 281 -7.20 -4.12 -18.65
N VAL A 282 -7.36 -4.44 -17.36
CA VAL A 282 -7.16 -5.85 -16.89
C VAL A 282 -8.44 -6.67 -17.07
N GLU A 283 -9.56 -6.04 -17.39
CA GLU A 283 -10.82 -6.76 -17.75
C GLU A 283 -11.16 -7.81 -16.67
N GLY A 284 -10.95 -7.50 -15.39
CA GLY A 284 -11.35 -8.39 -14.29
C GLY A 284 -10.48 -9.62 -14.12
N LYS A 285 -9.36 -9.74 -14.84
CA LYS A 285 -8.53 -10.96 -14.81
C LYS A 285 -7.80 -11.06 -13.50
N VAL A 286 -7.39 -9.92 -12.89
CA VAL A 286 -6.63 -9.88 -11.61
C VAL A 286 -7.17 -8.72 -10.78
N GLU A 287 -6.90 -8.79 -9.47
CA GLU A 287 -7.33 -7.76 -8.47
C GLU A 287 -6.37 -6.58 -8.57
N VAL A 288 -6.93 -5.37 -8.65
CA VAL A 288 -6.19 -4.10 -8.76
C VAL A 288 -6.24 -3.39 -7.41
N PHE A 289 -5.09 -2.97 -6.91
CA PHE A 289 -4.99 -2.27 -5.63
C PHE A 289 -4.47 -0.86 -5.94
N LEU A 290 -4.49 0.00 -4.92
CA LEU A 290 -3.96 1.37 -5.05
C LEU A 290 -3.22 1.75 -3.78
N ASP A 291 -2.16 2.52 -3.98
CA ASP A 291 -1.55 3.30 -2.87
C ASP A 291 -1.19 4.68 -3.42
N GLY A 292 -0.84 5.59 -2.51
CA GLY A 292 -0.46 6.94 -2.89
C GLY A 292 -1.53 7.92 -2.44
N GLY A 293 -1.32 8.62 -1.34
CA GLY A 293 -2.21 9.70 -0.98
C GLY A 293 -3.42 9.29 -0.14
N VAL A 294 -3.58 8.03 0.25
CA VAL A 294 -4.73 7.61 1.08
C VAL A 294 -4.54 8.14 2.52
N ARG A 295 -5.42 9.01 2.94
CA ARG A 295 -5.35 9.68 4.28
C ARG A 295 -6.68 9.60 5.01
N LYS A 296 -7.80 9.33 4.31
CA LYS A 296 -9.16 9.43 4.86
C LYS A 296 -10.00 8.27 4.41
N GLY A 297 -11.05 8.00 5.15
CA GLY A 297 -12.02 6.96 4.76
C GLY A 297 -12.66 7.25 3.43
N THR A 298 -12.88 8.50 3.07
CA THR A 298 -13.51 8.85 1.77
C THR A 298 -12.52 8.50 0.65
N ASP A 299 -11.21 8.56 0.90
CA ASP A 299 -10.23 8.15 -0.14
C ASP A 299 -10.39 6.67 -0.46
N VAL A 300 -10.50 5.85 0.59
CA VAL A 300 -10.73 4.40 0.45
C VAL A 300 -12.00 4.17 -0.38
N LEU A 301 -13.09 4.84 -0.02
CA LEU A 301 -14.39 4.66 -0.70
C LEU A 301 -14.24 5.02 -2.19
N LYS A 302 -13.57 6.13 -2.53
CA LYS A 302 -13.42 6.55 -3.93
C LYS A 302 -12.61 5.50 -4.69
N ALA A 303 -11.52 4.98 -4.12
CA ALA A 303 -10.67 3.96 -4.80
C ALA A 303 -11.50 2.69 -5.05
N LEU A 304 -12.30 2.24 -4.09
CA LEU A 304 -13.12 1.00 -4.31
C LEU A 304 -14.21 1.31 -5.34
N ALA A 305 -14.80 2.50 -5.34
CA ALA A 305 -15.83 2.87 -6.35
C ALA A 305 -15.24 2.78 -7.76
N LEU A 306 -13.97 3.12 -7.93
CA LEU A 306 -13.29 3.11 -9.25
C LEU A 306 -12.71 1.72 -9.53
N GLY A 307 -12.91 0.75 -8.65
CA GLY A 307 -12.66 -0.66 -8.98
C GLY A 307 -11.47 -1.28 -8.28
N ALA A 308 -10.77 -0.57 -7.38
CA ALA A 308 -9.72 -1.20 -6.57
C ALA A 308 -10.34 -2.15 -5.55
N LYS A 309 -9.66 -3.28 -5.32
CA LYS A 309 -10.12 -4.28 -4.33
C LYS A 309 -9.81 -3.76 -2.93
N ALA A 310 -8.67 -3.10 -2.81
CA ALA A 310 -8.18 -2.62 -1.50
C ALA A 310 -7.14 -1.53 -1.75
N VAL A 311 -6.83 -0.78 -0.70
CA VAL A 311 -5.76 0.23 -0.78
C VAL A 311 -4.71 -0.05 0.27
N PHE A 312 -3.52 0.44 0.03
CA PHE A 312 -2.37 0.36 0.98
C PHE A 312 -2.02 1.75 1.44
N VAL A 313 -1.54 1.82 2.67
CA VAL A 313 -1.07 3.12 3.23
C VAL A 313 0.41 2.95 3.60
N GLY A 314 1.19 3.96 3.24
CA GLY A 314 2.62 4.06 3.57
C GLY A 314 2.86 4.98 4.71
N ARG A 315 2.98 6.26 4.44
CA ARG A 315 3.39 7.28 5.42
C ARG A 315 2.52 7.23 6.68
N PRO A 316 1.18 7.08 6.61
CA PRO A 316 0.36 7.16 7.82
C PRO A 316 0.85 6.16 8.90
N ILE A 317 1.32 4.98 8.48
CA ILE A 317 1.81 3.93 9.41
C ILE A 317 3.05 4.43 10.14
N VAL A 318 3.95 5.07 9.40
CA VAL A 318 5.21 5.63 9.97
C VAL A 318 4.85 6.72 10.98
N TRP A 319 3.86 7.55 10.67
CA TRP A 319 3.43 8.56 11.67
C TRP A 319 2.87 7.87 12.92
N GLY A 320 2.09 6.80 12.76
CA GLY A 320 1.57 5.98 13.90
C GLY A 320 2.73 5.51 14.76
N LEU A 321 3.76 4.96 14.14
CA LEU A 321 4.96 4.42 14.86
C LEU A 321 5.59 5.58 15.63
N ALA A 322 5.71 6.75 15.01
CA ALA A 322 6.45 7.90 15.60
C ALA A 322 5.69 8.33 16.84
N PHE A 323 4.36 8.28 16.80
CA PHE A 323 3.49 8.64 17.95
C PHE A 323 3.64 7.64 19.09
N GLN A 324 3.45 6.35 18.86
CA GLN A 324 3.44 5.38 19.97
C GLN A 324 3.58 3.95 19.51
N GLY A 325 4.49 3.66 18.57
CA GLY A 325 4.79 2.29 18.20
C GLY A 325 3.54 1.53 17.84
N GLU A 326 3.40 0.31 18.35
CA GLU A 326 2.27 -0.59 18.01
C GLU A 326 0.94 0.13 18.25
N LYS A 327 0.76 0.75 19.41
CA LYS A 327 -0.51 1.43 19.74
C LYS A 327 -0.78 2.59 18.75
N GLY A 328 0.25 3.32 18.31
CA GLY A 328 0.07 4.42 17.36
C GLY A 328 -0.34 3.84 15.99
N VAL A 329 0.26 2.74 15.56
CA VAL A 329 -0.15 2.10 14.26
C VAL A 329 -1.59 1.63 14.38
N GLN A 330 -1.93 0.99 15.51
CA GLN A 330 -3.31 0.52 15.75
C GLN A 330 -4.28 1.71 15.64
N ASP A 331 -3.93 2.84 16.26
CA ASP A 331 -4.77 4.06 16.28
C ASP A 331 -5.03 4.53 14.83
N VAL A 332 -3.96 4.62 14.03
CA VAL A 332 -4.07 5.12 12.64
C VAL A 332 -4.99 4.16 11.89
N LEU A 333 -4.78 2.86 12.01
CA LEU A 333 -5.58 1.87 11.26
C LEU A 333 -7.04 1.95 11.74
N GLU A 334 -7.29 2.15 13.04
CA GLU A 334 -8.66 2.24 13.57
C GLU A 334 -9.34 3.52 13.06
N ILE A 335 -8.60 4.64 12.96
CA ILE A 335 -9.15 5.91 12.45
C ILE A 335 -9.54 5.73 10.98
N LEU A 336 -8.67 5.08 10.20
CA LEU A 336 -9.01 4.83 8.77
C LEU A 336 -10.21 3.88 8.68
N LYS A 337 -10.25 2.85 9.53
CA LYS A 337 -11.38 1.87 9.54
C LYS A 337 -12.69 2.60 9.80
N GLU A 338 -12.76 3.41 10.85
N GLU A 338 -12.74 3.38 10.89
CA GLU A 338 -14.05 4.03 11.26
CA GLU A 338 -13.96 4.12 11.33
C GLU A 338 -14.37 5.21 10.35
C GLU A 338 -14.36 5.15 10.29
N GLU A 339 -13.38 5.92 9.78
CA GLU A 339 -13.71 6.92 8.73
C GLU A 339 -14.31 6.20 7.53
N PHE A 340 -13.76 5.07 7.18
CA PHE A 340 -14.26 4.30 6.00
C PHE A 340 -15.67 3.79 6.29
N ARG A 341 -15.89 3.25 7.49
CA ARG A 341 -17.24 2.76 7.85
C ARG A 341 -18.27 3.89 7.73
N LEU A 342 -17.95 5.06 8.27
CA LEU A 342 -18.86 6.21 8.21
C LEU A 342 -19.11 6.62 6.75
N ALA A 343 -18.09 6.65 5.93
CA ALA A 343 -18.19 7.11 4.53
C ALA A 343 -19.08 6.11 3.81
N MET A 344 -18.88 4.82 4.08
CA MET A 344 -19.72 3.76 3.43
C MET A 344 -21.18 3.97 3.86
N ALA A 345 -21.44 4.13 5.16
CA ALA A 345 -22.81 4.23 5.70
C ALA A 345 -23.50 5.49 5.15
N LEU A 346 -22.82 6.62 5.09
CA LEU A 346 -23.38 7.87 4.60
C LEU A 346 -23.66 7.77 3.11
N SER A 347 -22.96 6.87 2.41
N SER A 347 -22.96 6.90 2.38
CA SER A 347 -23.08 6.70 0.94
CA SER A 347 -23.13 6.76 0.92
C SER A 347 -24.14 5.66 0.60
C SER A 347 -24.12 5.63 0.61
N GLY A 348 -24.69 5.00 1.62
CA GLY A 348 -25.74 3.98 1.45
C GLY A 348 -25.21 2.61 1.17
N CYS A 349 -23.98 2.29 1.57
CA CYS A 349 -23.32 0.99 1.30
C CYS A 349 -23.24 0.17 2.58
N GLN A 350 -23.95 -0.94 2.66
CA GLN A 350 -23.86 -1.77 3.91
C GLN A 350 -22.65 -2.70 3.88
N ASN A 351 -22.06 -2.94 2.72
CA ASN A 351 -20.85 -3.79 2.54
C ASN A 351 -20.08 -3.40 1.28
N VAL A 352 -18.89 -3.96 1.07
CA VAL A 352 -17.99 -3.45 0.00
C VAL A 352 -18.53 -3.92 -1.33
N LYS A 353 -19.34 -4.99 -1.35
CA LYS A 353 -19.81 -5.56 -2.63
C LYS A 353 -20.76 -4.61 -3.35
N VAL A 354 -21.41 -3.67 -2.63
CA VAL A 354 -22.38 -2.74 -3.25
C VAL A 354 -21.75 -1.39 -3.55
N ILE A 355 -20.45 -1.18 -3.26
CA ILE A 355 -19.74 0.05 -3.69
C ILE A 355 -19.59 -0.02 -5.21
N ASP A 356 -20.21 0.89 -5.94
CA ASP A 356 -20.24 0.83 -7.42
C ASP A 356 -19.73 2.14 -8.02
N LYS A 357 -19.47 2.12 -9.33
CA LYS A 357 -18.87 3.28 -10.05
C LYS A 357 -19.80 4.51 -9.99
N THR A 358 -21.12 4.40 -9.81
CA THR A 358 -22.00 5.59 -9.83
C THR A 358 -21.82 6.42 -8.55
N LEU A 359 -21.08 5.94 -7.57
CA LEU A 359 -20.85 6.74 -6.35
C LEU A 359 -19.85 7.86 -6.62
N VAL A 360 -19.09 7.86 -7.71
CA VAL A 360 -18.04 8.90 -7.94
C VAL A 360 -18.16 9.51 -9.33
N ARG A 361 -17.78 10.77 -9.45
CA ARG A 361 -17.61 11.47 -10.74
C ARG A 361 -16.53 12.51 -10.59
N LYS A 362 -15.69 12.67 -11.60
CA LYS A 362 -14.58 13.65 -11.46
C LYS A 362 -15.07 15.02 -11.93
N ASN A 363 -14.95 16.02 -11.04
CA ASN A 363 -15.26 17.45 -11.28
C ASN A 363 -14.92 18.25 -10.01
C1 SLG B . 17.43 5.07 1.28
C2 SLG B . 17.99 3.74 1.72
C3 SLG B . 19.17 3.71 2.48
C7 SLG B . 17.35 2.53 1.40
C8 SLG B . 16.09 2.48 0.62
C9 SLG B . 14.91 3.01 1.12
C10 SLG B . 13.72 2.87 0.41
C11 SLG B . 13.69 2.24 -0.82
C12 SLG B . 12.37 2.11 -1.53
C13 SLG B . 14.89 1.76 -1.33
C14 SLG B . 16.07 1.86 -0.62
C15 SLG B . 18.86 7.14 1.49
C16 SLG B . 18.40 7.40 2.87
C19 SLG B . 17.44 7.37 6.36
C20 SLG B . 17.36 8.46 7.21
C21 SLG B . 17.63 9.71 6.73
C22 SLG B . 17.98 9.93 5.40
CL1 SLG B . 17.53 11.07 7.80
C23 SLG B . 18.06 8.81 4.57
C18 SLG B . 17.81 7.52 5.04
C17 SLG B . 18.04 6.64 3.93
N1 SLG B . 18.41 8.72 3.24
O2 SLG B . 19.57 7.96 0.92
N SLG B . 18.46 6.00 0.82
C SLG B . 19.13 5.66 -0.43
C6 SLG B . 17.90 1.33 1.82
C5 SLG B . 19.07 1.34 2.54
F SLG B . 19.62 0.14 2.89
C4 SLG B . 19.72 2.50 2.89
CL SLG B . 14.96 1.11 -2.93
O1 SLG B . 12.05 1.06 -2.02
O SLG B . 11.67 3.18 -1.54
N1 FMN C . 8.13 0.82 -1.56
C2 FMN C . 8.71 -0.38 -1.69
O2 FMN C . 8.29 -1.19 -2.59
N3 FMN C . 9.72 -0.79 -0.83
C4 FMN C . 10.18 0.04 0.11
O4 FMN C . 11.11 -0.30 0.89
C4A FMN C . 9.59 1.35 0.27
N5 FMN C . 10.02 2.27 1.22
C5A FMN C . 9.41 3.42 1.35
C6 FMN C . 9.82 4.26 2.37
C7 FMN C . 9.20 5.45 2.55
C7M FMN C . 9.62 6.43 3.64
C8 FMN C . 8.05 5.83 1.76
C8M FMN C . 7.34 7.12 2.04
C9 FMN C . 7.57 5.00 0.79
C9A FMN C . 8.26 3.79 0.55
N10 FMN C . 7.84 2.90 -0.42
C10 FMN C . 8.48 1.70 -0.58
C1' FMN C . 6.65 3.16 -1.24
C2' FMN C . 5.45 2.64 -0.47
O2' FMN C . 5.36 1.20 -0.52
C3' FMN C . 4.10 3.19 -0.95
O3' FMN C . 4.03 2.96 -2.41
C4' FMN C . 3.85 4.64 -0.71
O4' FMN C . 4.28 4.96 0.65
C5' FMN C . 2.34 4.93 -0.76
O5' FMN C . 2.04 6.29 -0.66
P FMN C . 1.59 6.99 0.77
O1P FMN C . 0.57 6.11 1.47
O2P FMN C . 2.92 7.11 1.56
O3P FMN C . 1.08 8.29 0.32
#